data_1HLB
#
_entry.id   1HLB
#
_cell.length_a   45.740
_cell.length_b   45.230
_cell.length_c   40.920
_cell.angle_alpha   90.00
_cell.angle_beta   104.40
_cell.angle_gamma   90.00
#
_symmetry.space_group_name_H-M   'P 1 21 1'
#
loop_
_entity.id
_entity.type
_entity.pdbx_description
1 polymer 'HEMOGLOBIN (DEOXY)'
2 non-polymer 'PROTOPORPHYRIN IX CONTAINING FE'
3 water water
#
_entity_poly.entity_id   1
_entity_poly.type   'polypeptide(L)'
_entity_poly.pdbx_seq_one_letter_code
;(ACE)GGTLAIQAQGDLTLAQKKIVRKTWHQLMRNKTSFVTDVFIRIFAYDPSAQNKFPQMAGMSASQLRSSRQMQAHAI
RVSSIMSEYVEELDSDILPELLATLARTHDLNKVGADHYNLFAKVLMEALQAELGSDFNEKTRDAWAKAFSVVQAVLLVK
HG
;
_entity_poly.pdbx_strand_id   A
#
loop_
_chem_comp.id
_chem_comp.type
_chem_comp.name
_chem_comp.formula
ACE non-polymer 'ACETYL GROUP' 'C2 H4 O'
HEM non-polymer 'PROTOPORPHYRIN IX CONTAINING FE' 'C34 H32 Fe N4 O4'
#
# COMPACT_ATOMS: atom_id res chain seq x y z
C ACE A 1 18.75 -14.35 0.57
O ACE A 1 18.84 -13.17 0.92
CH3 ACE A 1 19.99 -14.91 -0.13
N GLY A 2 17.63 -15.08 0.72
CA GLY A 2 16.43 -14.58 1.46
C GLY A 2 15.32 -15.58 0.97
N GLY A 3 14.06 -15.02 0.79
CA GLY A 3 12.96 -15.69 0.09
C GLY A 3 12.59 -17.04 0.62
N THR A 4 12.49 -17.09 1.94
CA THR A 4 12.15 -18.31 2.62
C THR A 4 10.70 -18.67 2.26
N LEU A 5 10.51 -19.91 1.80
CA LEU A 5 9.23 -20.48 1.35
C LEU A 5 8.74 -19.91 0.02
N ALA A 6 9.46 -18.94 -0.57
CA ALA A 6 9.20 -18.39 -1.88
C ALA A 6 7.77 -18.05 -2.31
N ILE A 7 7.00 -18.95 -2.93
CA ILE A 7 5.61 -18.66 -3.30
C ILE A 7 4.82 -19.95 -3.09
N GLN A 8 3.69 -19.83 -2.41
CA GLN A 8 2.83 -20.97 -2.13
C GLN A 8 1.50 -20.34 -1.72
N ALA A 9 1.36 -19.85 -0.47
CA ALA A 9 0.16 -19.21 0.05
C ALA A 9 -1.17 -19.94 0.11
N GLN A 10 -1.55 -20.85 -0.80
CA GLN A 10 -2.84 -21.57 -0.78
C GLN A 10 -4.02 -20.69 -0.34
N GLY A 11 -4.98 -21.15 0.51
CA GLY A 11 -6.04 -20.29 1.01
C GLY A 11 -5.49 -19.34 2.06
N ASP A 12 -5.27 -18.08 1.69
CA ASP A 12 -4.73 -17.05 2.56
C ASP A 12 -5.41 -16.57 3.85
N LEU A 13 -6.49 -15.79 3.82
CA LEU A 13 -7.10 -15.23 5.04
C LEU A 13 -8.42 -15.91 5.31
N THR A 14 -8.89 -15.96 6.55
CA THR A 14 -10.17 -16.58 6.85
C THR A 14 -11.29 -15.70 6.26
N LEU A 15 -12.34 -16.11 5.52
CA LEU A 15 -13.38 -15.18 5.00
C LEU A 15 -13.76 -13.94 5.79
N ALA A 16 -13.87 -14.01 7.12
CA ALA A 16 -14.20 -12.85 7.94
C ALA A 16 -13.17 -11.75 7.85
N GLN A 17 -11.92 -12.14 7.66
CA GLN A 17 -10.88 -11.17 7.46
C GLN A 17 -11.08 -10.52 6.08
N LYS A 18 -11.44 -11.30 5.06
CA LYS A 18 -11.73 -10.81 3.71
C LYS A 18 -12.87 -9.77 3.58
N LYS A 19 -13.99 -10.13 4.22
CA LYS A 19 -15.16 -9.27 4.35
C LYS A 19 -14.73 -7.94 4.92
N ILE A 20 -14.04 -7.96 6.08
CA ILE A 20 -13.67 -6.71 6.71
C ILE A 20 -12.57 -5.94 5.97
N VAL A 21 -11.53 -6.49 5.30
CA VAL A 21 -10.55 -5.71 4.52
C VAL A 21 -11.05 -5.03 3.22
N ARG A 22 -12.02 -5.61 2.49
CA ARG A 22 -12.63 -5.00 1.29
C ARG A 22 -13.60 -3.90 1.65
N LYS A 23 -14.38 -4.10 2.69
CA LYS A 23 -15.41 -3.18 3.15
C LYS A 23 -14.85 -1.83 3.59
N THR A 24 -13.78 -1.96 4.36
CA THR A 24 -13.11 -0.83 4.95
C THR A 24 -12.29 -0.07 3.89
N TRP A 25 -11.57 -0.74 3.00
CA TRP A 25 -10.87 -0.14 1.89
C TRP A 25 -11.85 0.64 1.04
N HIS A 26 -13.00 0.08 0.73
CA HIS A 26 -14.05 0.82 0.02
C HIS A 26 -14.70 1.95 0.83
N GLN A 27 -14.77 1.85 2.16
CA GLN A 27 -15.33 2.91 3.00
C GLN A 27 -14.50 4.17 2.91
N LEU A 28 -13.24 3.90 2.96
CA LEU A 28 -12.21 4.88 2.92
C LEU A 28 -12.07 5.52 1.53
N MET A 29 -11.92 4.68 0.50
CA MET A 29 -11.90 5.13 -0.87
C MET A 29 -13.13 6.01 -1.20
N ARG A 30 -14.33 5.53 -0.83
CA ARG A 30 -15.61 6.20 -1.01
C ARG A 30 -15.75 7.57 -0.37
N ASN A 31 -15.36 7.61 0.91
CA ASN A 31 -15.56 8.76 1.77
C ASN A 31 -14.47 9.75 1.79
N LYS A 32 -13.28 9.39 1.37
CA LYS A 32 -12.19 10.32 1.40
C LYS A 32 -11.72 10.29 -0.03
N THR A 33 -12.06 11.34 -0.79
CA THR A 33 -11.75 11.37 -2.21
C THR A 33 -10.25 11.33 -2.56
N SER A 34 -9.34 12.04 -1.90
CA SER A 34 -7.96 12.04 -2.31
C SER A 34 -7.12 11.17 -1.44
N PHE A 35 -7.76 10.23 -0.78
CA PHE A 35 -7.14 9.39 0.23
C PHE A 35 -5.71 8.94 -0.04
N VAL A 36 -5.41 8.45 -1.25
CA VAL A 36 -4.14 7.80 -1.43
C VAL A 36 -3.05 8.86 -1.56
N THR A 37 -3.36 9.98 -2.23
CA THR A 37 -2.37 11.03 -2.32
C THR A 37 -2.09 11.54 -0.93
N ASP A 38 -3.14 11.82 -0.15
CA ASP A 38 -2.96 12.30 1.21
C ASP A 38 -2.11 11.32 1.99
N VAL A 39 -2.21 10.00 1.80
CA VAL A 39 -1.28 9.08 2.49
C VAL A 39 0.19 9.35 2.09
N PHE A 40 0.42 9.56 0.80
CA PHE A 40 1.76 9.80 0.36
C PHE A 40 2.29 11.12 0.88
N ILE A 41 1.45 12.14 0.93
CA ILE A 41 1.84 13.45 1.44
C ILE A 41 2.23 13.36 2.93
N ARG A 42 1.80 12.33 3.67
CA ARG A 42 2.16 12.19 5.06
C ARG A 42 3.47 11.47 5.21
N ILE A 43 3.69 10.46 4.36
CA ILE A 43 4.89 9.62 4.43
C ILE A 43 6.09 10.55 4.24
N PHE A 44 5.93 11.45 3.29
CA PHE A 44 6.99 12.39 3.03
C PHE A 44 7.24 13.40 4.14
N ALA A 45 6.36 13.49 5.11
CA ALA A 45 6.56 14.42 6.21
C ALA A 45 7.48 13.77 7.25
N TYR A 46 7.06 12.53 7.57
CA TYR A 46 7.72 11.63 8.51
C TYR A 46 9.03 11.07 8.04
N ASP A 47 9.19 10.99 6.73
CA ASP A 47 10.37 10.44 6.16
C ASP A 47 10.64 11.22 4.89
N PRO A 48 11.47 12.28 5.02
CA PRO A 48 11.81 13.16 3.92
C PRO A 48 12.63 12.50 2.83
N SER A 49 13.43 11.46 3.14
CA SER A 49 14.14 10.76 2.08
C SER A 49 13.22 10.07 1.11
N ALA A 50 12.05 9.58 1.58
CA ALA A 50 11.03 8.96 0.71
C ALA A 50 10.61 9.92 -0.40
N GLN A 51 10.77 11.24 -0.20
CA GLN A 51 10.50 12.20 -1.26
C GLN A 51 11.60 12.09 -2.31
N ASN A 52 12.82 11.96 -1.81
CA ASN A 52 13.99 11.89 -2.68
C ASN A 52 14.00 10.73 -3.65
N LYS A 53 13.33 9.61 -3.35
CA LYS A 53 13.34 8.49 -4.29
C LYS A 53 12.66 8.89 -5.57
N PHE A 54 11.83 9.97 -5.58
CA PHE A 54 11.21 10.46 -6.78
C PHE A 54 11.98 11.72 -7.09
N PRO A 55 13.00 11.66 -7.95
CA PRO A 55 14.04 12.68 -8.05
C PRO A 55 13.52 14.09 -8.35
N GLN A 56 12.77 14.19 -9.43
CA GLN A 56 12.21 15.45 -9.91
C GLN A 56 11.35 16.27 -8.96
N MET A 57 10.58 15.64 -8.09
CA MET A 57 9.66 16.35 -7.23
C MET A 57 10.29 16.56 -5.85
N ALA A 58 11.48 15.95 -5.67
CA ALA A 58 12.22 16.02 -4.43
C ALA A 58 12.66 17.44 -4.13
N GLY A 59 12.02 17.93 -3.07
CA GLY A 59 12.21 19.28 -2.61
C GLY A 59 10.95 20.11 -2.72
N MET A 60 9.79 19.58 -3.09
CA MET A 60 8.57 20.38 -3.16
C MET A 60 7.71 20.36 -1.90
N SER A 61 6.92 21.40 -1.80
CA SER A 61 6.01 21.60 -0.71
C SER A 61 4.67 20.92 -1.01
N ALA A 62 4.11 20.28 0.00
CA ALA A 62 2.79 19.67 -0.01
C ALA A 62 1.78 20.20 -1.05
N SER A 63 1.58 21.51 -1.20
CA SER A 63 0.66 22.11 -2.15
C SER A 63 1.05 21.97 -3.63
N GLN A 64 2.35 21.97 -3.92
CA GLN A 64 2.80 21.70 -5.28
C GLN A 64 3.30 20.24 -5.46
N LEU A 65 3.24 19.49 -4.36
CA LEU A 65 3.38 18.05 -4.35
C LEU A 65 2.02 17.50 -4.84
N ARG A 66 0.90 18.02 -4.32
CA ARG A 66 -0.45 17.59 -4.67
C ARG A 66 -0.85 17.82 -6.11
N SER A 67 -0.13 18.67 -6.85
CA SER A 67 -0.44 18.89 -8.26
C SER A 67 0.69 18.50 -9.22
N SER A 68 1.30 17.36 -8.96
CA SER A 68 2.40 16.88 -9.72
C SER A 68 1.87 15.71 -10.52
N ARG A 69 2.07 15.74 -11.87
CA ARG A 69 1.64 14.64 -12.73
C ARG A 69 2.20 13.31 -12.27
N GLN A 70 3.48 13.31 -11.93
CA GLN A 70 4.15 12.14 -11.38
C GLN A 70 3.56 11.65 -10.04
N MET A 71 3.11 12.55 -9.11
CA MET A 71 2.61 12.21 -7.79
C MET A 71 1.25 11.56 -8.00
N GLN A 72 0.41 12.26 -8.77
CA GLN A 72 -0.93 11.82 -9.06
C GLN A 72 -0.89 10.46 -9.79
N ALA A 73 -0.06 10.32 -10.80
CA ALA A 73 0.00 9.10 -11.54
C ALA A 73 0.55 8.02 -10.67
N HIS A 74 1.42 8.27 -9.69
CA HIS A 74 1.94 7.15 -8.91
C HIS A 74 0.79 6.71 -8.04
N ALA A 75 0.08 7.69 -7.45
CA ALA A 75 -1.01 7.49 -6.52
C ALA A 75 -2.22 6.70 -7.03
N ILE A 76 -2.61 6.91 -8.30
CA ILE A 76 -3.73 6.16 -8.88
C ILE A 76 -3.24 4.77 -9.25
N ARG A 77 -1.94 4.61 -9.52
CA ARG A 77 -1.37 3.31 -9.75
C ARG A 77 -1.32 2.49 -8.48
N VAL A 78 -1.12 3.12 -7.31
CA VAL A 78 -1.17 2.43 -6.01
C VAL A 78 -2.64 2.03 -5.85
N SER A 79 -3.49 3.06 -5.91
CA SER A 79 -4.93 2.90 -5.92
C SER A 79 -5.43 1.72 -6.77
N SER A 80 -5.07 1.51 -8.05
CA SER A 80 -5.56 0.40 -8.85
C SER A 80 -5.01 -0.95 -8.48
N ILE A 81 -3.72 -1.14 -8.15
CA ILE A 81 -3.18 -2.41 -7.68
C ILE A 81 -3.93 -2.81 -6.42
N MET A 82 -4.18 -1.81 -5.57
CA MET A 82 -4.87 -2.02 -4.32
C MET A 82 -6.30 -2.44 -4.62
N SER A 83 -7.11 -1.69 -5.35
CA SER A 83 -8.43 -2.17 -5.69
C SER A 83 -8.51 -3.51 -6.46
N GLU A 84 -7.47 -3.89 -7.23
CA GLU A 84 -7.47 -5.13 -7.97
C GLU A 84 -7.39 -6.33 -7.06
N TYR A 85 -6.51 -6.24 -6.07
CA TYR A 85 -6.45 -7.26 -5.06
C TYR A 85 -7.67 -7.27 -4.16
N VAL A 86 -8.10 -6.15 -3.59
CA VAL A 86 -9.23 -6.10 -2.67
C VAL A 86 -10.52 -6.71 -3.24
N GLU A 87 -10.62 -6.80 -4.57
CA GLU A 87 -11.76 -7.40 -5.26
C GLU A 87 -11.99 -8.84 -4.81
N GLU A 88 -10.94 -9.67 -4.63
CA GLU A 88 -11.16 -11.05 -4.25
C GLU A 88 -10.16 -11.57 -3.21
N LEU A 89 -9.14 -10.76 -2.92
CA LEU A 89 -8.07 -11.05 -1.98
C LEU A 89 -7.47 -12.41 -2.32
N ASP A 90 -7.38 -12.64 -3.64
CA ASP A 90 -6.79 -13.86 -4.17
C ASP A 90 -5.29 -13.76 -4.08
N SER A 91 -4.78 -14.45 -3.08
CA SER A 91 -3.38 -14.54 -2.77
C SER A 91 -2.47 -14.79 -3.96
N ASP A 92 -2.90 -15.54 -4.97
CA ASP A 92 -1.97 -15.86 -6.04
C ASP A 92 -2.21 -15.34 -7.44
N ILE A 93 -2.85 -14.19 -7.45
CA ILE A 93 -2.78 -13.39 -8.67
C ILE A 93 -1.84 -12.22 -8.28
N LEU A 94 -1.31 -12.31 -7.05
CA LEU A 94 -0.39 -11.34 -6.50
C LEU A 94 0.88 -11.41 -7.32
N PRO A 95 1.50 -12.58 -7.63
CA PRO A 95 2.73 -12.65 -8.42
C PRO A 95 2.80 -11.81 -9.68
N GLU A 96 1.81 -11.75 -10.57
CA GLU A 96 1.95 -10.93 -11.75
C GLU A 96 1.65 -9.47 -11.41
N LEU A 97 0.75 -9.16 -10.48
CA LEU A 97 0.40 -7.78 -10.09
C LEU A 97 1.57 -6.92 -9.65
N LEU A 98 2.26 -7.48 -8.70
CA LEU A 98 3.36 -6.81 -8.05
C LEU A 98 4.67 -6.90 -8.85
N ALA A 99 4.68 -7.57 -10.04
CA ALA A 99 5.94 -7.93 -10.68
C ALA A 99 6.73 -6.80 -11.25
N THR A 100 6.13 -5.81 -11.93
CA THR A 100 6.89 -4.70 -12.49
C THR A 100 7.22 -3.67 -11.43
N LEU A 101 6.22 -3.43 -10.57
CA LEU A 101 6.28 -2.59 -9.36
C LEU A 101 7.54 -2.84 -8.57
N ALA A 102 7.71 -4.12 -8.33
CA ALA A 102 8.81 -4.61 -7.54
C ALA A 102 10.11 -4.28 -8.24
N ARG A 103 10.21 -4.55 -9.54
CA ARG A 103 11.38 -4.21 -10.30
C ARG A 103 11.68 -2.71 -10.35
N THR A 104 10.71 -1.82 -10.59
CA THR A 104 11.01 -0.39 -10.69
C THR A 104 11.30 0.17 -9.30
N HIS A 105 10.60 -0.33 -8.27
CA HIS A 105 10.91 0.09 -6.90
C HIS A 105 12.36 -0.23 -6.52
N ASP A 106 12.80 -1.45 -6.80
CA ASP A 106 14.17 -1.85 -6.53
C ASP A 106 15.19 -1.10 -7.34
N LEU A 107 14.78 -0.55 -8.49
CA LEU A 107 15.65 0.22 -9.36
C LEU A 107 15.76 1.62 -8.78
N ASN A 108 14.71 2.18 -8.18
CA ASN A 108 14.85 3.48 -7.53
C ASN A 108 15.14 3.32 -6.03
N LYS A 109 15.57 2.12 -5.59
CA LYS A 109 15.94 1.71 -4.22
C LYS A 109 14.84 1.86 -3.15
N VAL A 110 13.59 1.70 -3.55
CA VAL A 110 12.46 1.74 -2.65
C VAL A 110 12.36 0.32 -2.09
N GLY A 111 12.52 0.15 -0.79
CA GLY A 111 12.32 -1.17 -0.23
C GLY A 111 11.40 -1.27 0.99
N ALA A 112 11.70 -2.32 1.78
CA ALA A 112 11.07 -2.69 3.05
C ALA A 112 10.69 -1.53 4.00
N ASP A 113 11.54 -0.59 4.35
CA ASP A 113 11.10 0.52 5.18
C ASP A 113 10.31 1.60 4.45
N HIS A 114 9.98 1.38 3.19
CA HIS A 114 9.11 2.30 2.50
C HIS A 114 7.72 1.66 2.48
N TYR A 115 7.71 0.33 2.26
CA TYR A 115 6.51 -0.47 2.42
C TYR A 115 5.96 -0.48 3.86
N ASN A 116 6.84 -0.63 4.83
CA ASN A 116 6.48 -0.54 6.23
C ASN A 116 5.78 0.78 6.52
N LEU A 117 6.46 1.87 6.21
CA LEU A 117 5.94 3.21 6.33
C LEU A 117 4.58 3.32 5.72
N PHE A 118 4.42 2.93 4.46
CA PHE A 118 3.13 2.94 3.79
C PHE A 118 2.08 2.24 4.64
N ALA A 119 2.40 1.04 5.13
CA ALA A 119 1.48 0.32 5.98
C ALA A 119 1.10 1.10 7.25
N LYS A 120 2.06 1.75 7.93
CA LYS A 120 1.76 2.55 9.11
C LYS A 120 0.85 3.70 8.78
N VAL A 121 1.18 4.46 7.73
CA VAL A 121 0.38 5.61 7.39
C VAL A 121 -1.03 5.22 6.94
N LEU A 122 -1.27 4.12 6.23
CA LEU A 122 -2.61 3.69 5.82
C LEU A 122 -3.44 3.13 6.99
N MET A 123 -2.75 2.51 7.94
CA MET A 123 -3.29 1.99 9.20
C MET A 123 -3.93 3.14 9.96
N GLU A 124 -3.15 4.20 10.13
CA GLU A 124 -3.60 5.49 10.67
C GLU A 124 -4.80 6.06 9.98
N ALA A 125 -4.74 6.20 8.65
CA ALA A 125 -5.86 6.69 7.86
C ALA A 125 -7.12 5.88 8.12
N LEU A 126 -7.03 4.56 8.08
CA LEU A 126 -8.11 3.69 8.44
C LEU A 126 -8.68 4.06 9.82
N GLN A 127 -7.86 4.34 10.84
CA GLN A 127 -8.38 4.58 12.15
C GLN A 127 -9.00 5.95 12.19
N ALA A 128 -8.48 6.96 11.51
CA ALA A 128 -9.11 8.29 11.50
C ALA A 128 -10.50 8.25 10.88
N GLU A 129 -10.64 7.30 9.94
CA GLU A 129 -11.89 7.02 9.26
C GLU A 129 -12.91 6.30 10.13
N LEU A 130 -12.55 5.15 10.69
CA LEU A 130 -13.46 4.32 11.44
C LEU A 130 -13.80 4.80 12.84
N GLY A 131 -12.90 5.45 13.59
CA GLY A 131 -13.21 5.85 14.96
C GLY A 131 -13.03 4.69 15.91
N SER A 132 -13.66 4.82 17.09
CA SER A 132 -13.70 3.78 18.12
C SER A 132 -14.11 2.42 17.56
N ASP A 133 -14.76 2.41 16.39
CA ASP A 133 -15.09 1.17 15.75
C ASP A 133 -14.07 0.81 14.68
N PHE A 134 -12.87 0.57 15.19
CA PHE A 134 -11.70 0.06 14.50
C PHE A 134 -11.38 -1.10 15.44
N ASN A 135 -12.40 -1.85 15.84
CA ASN A 135 -12.23 -2.88 16.84
C ASN A 135 -11.60 -4.13 16.33
N GLU A 136 -10.30 -4.12 16.70
CA GLU A 136 -9.19 -5.04 16.47
C GLU A 136 -9.20 -6.22 15.53
N LYS A 137 -10.37 -6.80 15.21
CA LYS A 137 -10.45 -7.75 14.11
C LYS A 137 -9.95 -6.92 12.92
N THR A 138 -10.42 -5.67 12.79
CA THR A 138 -10.04 -4.73 11.76
C THR A 138 -8.53 -4.60 11.67
N ARG A 139 -7.80 -4.59 12.77
CA ARG A 139 -6.36 -4.36 12.69
C ARG A 139 -5.58 -5.61 12.29
N ASP A 140 -6.06 -6.76 12.81
CA ASP A 140 -5.48 -8.07 12.56
C ASP A 140 -5.64 -8.48 11.11
N ALA A 141 -6.85 -8.35 10.59
CA ALA A 141 -7.18 -8.77 9.25
C ALA A 141 -6.31 -8.01 8.29
N TRP A 142 -6.21 -6.70 8.53
CA TRP A 142 -5.37 -5.83 7.72
C TRP A 142 -3.88 -6.12 7.78
N ALA A 143 -3.35 -6.48 8.94
CA ALA A 143 -1.96 -6.86 9.11
C ALA A 143 -1.72 -8.16 8.38
N LYS A 144 -2.64 -9.13 8.50
CA LYS A 144 -2.53 -10.42 7.83
C LYS A 144 -2.46 -10.19 6.33
N ALA A 145 -3.36 -9.35 5.80
CA ALA A 145 -3.36 -8.91 4.42
C ALA A 145 -1.99 -8.33 4.08
N PHE A 146 -1.48 -7.43 4.93
CA PHE A 146 -0.17 -6.86 4.74
C PHE A 146 0.88 -7.93 4.78
N SER A 147 0.77 -9.00 5.54
CA SER A 147 1.78 -10.02 5.54
C SER A 147 1.74 -10.85 4.27
N VAL A 148 0.56 -11.29 3.79
CA VAL A 148 0.42 -12.07 2.57
C VAL A 148 1.15 -11.38 1.40
N VAL A 149 0.90 -10.08 1.33
CA VAL A 149 1.46 -9.23 0.31
C VAL A 149 2.96 -9.09 0.59
N GLN A 150 3.34 -8.83 1.83
CA GLN A 150 4.73 -8.61 2.20
C GLN A 150 5.62 -9.79 1.75
N ALA A 151 5.12 -11.00 2.06
CA ALA A 151 5.74 -12.28 1.81
C ALA A 151 6.35 -12.46 0.44
N VAL A 152 5.79 -11.87 -0.61
CA VAL A 152 6.34 -12.03 -1.92
C VAL A 152 6.63 -10.70 -2.57
N LEU A 153 7.47 -9.90 -1.90
CA LEU A 153 7.93 -8.68 -2.51
C LEU A 153 9.45 -8.58 -2.48
N LEU A 154 9.89 -8.06 -3.62
CA LEU A 154 11.24 -7.69 -4.04
C LEU A 154 12.58 -8.44 -4.06
N VAL A 155 12.84 -8.36 -5.38
CA VAL A 155 13.96 -8.77 -6.18
C VAL A 155 14.72 -10.08 -6.35
N LYS A 156 14.30 -10.14 -7.64
CA LYS A 156 14.56 -11.10 -8.70
C LYS A 156 14.28 -10.07 -9.85
N HIS A 157 15.19 -9.10 -9.94
CA HIS A 157 15.14 -7.98 -10.86
C HIS A 157 15.94 -8.24 -12.15
N GLY A 158 16.46 -9.45 -12.25
CA GLY A 158 17.29 -9.87 -13.35
C GLY A 158 18.64 -10.31 -12.75
CHA HEM B . 6.77 3.25 -9.26
CHB HEM B . 3.26 0.90 -7.01
CHC HEM B . 4.81 2.46 -2.77
CHD HEM B . 8.14 5.02 -5.02
C1A HEM B . 5.64 2.45 -9.06
C2A HEM B . 4.96 1.75 -10.03
C3A HEM B . 3.79 1.28 -9.41
C4A HEM B . 4.01 1.47 -8.05
CMA HEM B . 2.53 0.80 -10.11
CAA HEM B . 5.32 1.66 -11.51
CBA HEM B . 5.50 0.30 -12.14
CGA HEM B . 5.60 0.33 -13.69
O1A HEM B . 5.24 -0.69 -14.31
O2A HEM B . 6.04 1.34 -14.26
C1B HEM B . 3.35 1.09 -5.62
C2B HEM B . 2.62 0.38 -4.66
C3B HEM B . 3.02 0.93 -3.44
C4B HEM B . 4.02 1.82 -3.72
CMB HEM B . 1.61 -0.71 -4.96
CAB HEM B . 2.61 0.67 -2.12
CBB HEM B . 1.72 -0.40 -1.68
C1C HEM B . 5.85 3.36 -2.98
C2C HEM B . 6.51 4.02 -1.97
C3C HEM B . 7.56 4.71 -2.60
C4C HEM B . 7.36 4.50 -3.97
CMC HEM B . 6.07 4.00 -0.51
CAC HEM B . 8.58 5.51 -2.09
CBC HEM B . 8.76 5.97 -0.73
C1D HEM B . 8.05 4.86 -6.42
C2D HEM B . 8.96 5.33 -7.34
C3D HEM B . 8.45 5.02 -8.60
C4D HEM B . 7.42 4.11 -8.35
CMD HEM B . 10.21 6.15 -7.00
CAD HEM B . 8.93 5.76 -9.87
CBD HEM B . 8.58 5.29 -11.29
CGD HEM B . 9.19 3.98 -11.77
O1D HEM B . 8.42 3.10 -12.18
O2D HEM B . 10.41 3.84 -11.78
NA HEM B . 5.05 2.29 -7.86
NB HEM B . 4.17 1.98 -5.05
NC HEM B . 6.32 3.71 -4.18
ND HEM B . 7.08 4.16 -7.04
FE HEM B . 5.68 3.01 -6.02
#